data_7A1N
#
_entry.id   7A1N
#
_cell.length_a   86.052
_cell.length_b   86.052
_cell.length_c   147.833
_cell.angle_alpha   90.000
_cell.angle_beta   90.000
_cell.angle_gamma   90.000
#
_symmetry.space_group_name_H-M   'P 41 21 2'
#
loop_
_entity.id
_entity.type
_entity.pdbx_description
1 polymer 'Hypoxia-inducible factor 1-alpha inhibitor'
2 polymer 'CONSENSUS ANKYRIN REPEAT DOMAIN'
3 non-polymer 'SULFATE ION'
4 non-polymer 'ZINC ION'
5 non-polymer '(3~{S})-3-methyl-2-oxidanylidene-pentanedioic acid'
6 water water
#
loop_
_entity_poly.entity_id
_entity_poly.type
_entity_poly.pdbx_seq_one_letter_code
_entity_poly.pdbx_strand_id
1 'polypeptide(L)'
;MAATAAEAVASGSGEPREEAGALGPAWDESQLRSYSFPTRPIPRLSQSDPRAEELIENEEPVVLTDTNLVYPALKWDLEY
LQENIGNGDFSVYSASTHKFLYYDEKKMANFQNFKPRSNREEMKFHEFVEKLQDIQQRGGEERLYLQQTLNDTVGRKIVM
DFLGFNWNWINKQQGKRGWGQLTSNLLLIGMEGNVTPAHYDEQQNFFAQIKGYKRCILFPPDQFECLYPYPVHHPCDRQS
QVDFDNPDYERFPNFQNVVGYETVVGPGDVLYIPMYWWHHIESLLNGGITITVNFWYKGAPTPKRIEYPLKAHQKVAIMR
NIEKMLGEALGNPQEVGPLLNTMIKGRYN
;
A
2 'polypeptide(L)' HLEVVKLLLEAGADVNAQDK B
#
loop_
_chem_comp.id
_chem_comp.type
_chem_comp.name
_chem_comp.formula
ROQ non-polymer '(3~{S})-3-methyl-2-oxidanylidene-pentanedioic acid' 'C6 H8 O5'
SO4 non-polymer 'SULFATE ION' 'O4 S -2'
ZN non-polymer 'ZINC ION' 'Zn 2'
#
# COMPACT_ATOMS: atom_id res chain seq x y z
N ALA A 20 4.48 27.84 3.46
CA ALA A 20 5.30 28.84 4.11
C ALA A 20 6.02 29.69 3.07
N GLY A 21 6.41 30.91 3.45
CA GLY A 21 6.98 31.82 2.49
C GLY A 21 6.02 32.29 1.41
N ALA A 22 4.72 32.04 1.56
CA ALA A 22 3.71 32.50 0.61
C ALA A 22 3.96 31.92 -0.79
N LEU A 23 4.49 30.69 -0.85
CA LEU A 23 4.79 30.03 -2.12
C LEU A 23 3.57 29.53 -2.84
N GLY A 24 2.36 29.94 -2.43
CA GLY A 24 1.17 29.61 -3.15
C GLY A 24 0.55 28.31 -2.67
N PRO A 25 -0.52 27.88 -3.33
CA PRO A 25 -1.11 26.58 -3.02
C PRO A 25 -0.20 25.46 -3.49
N ALA A 26 0.20 24.60 -2.55
CA ALA A 26 1.09 23.50 -2.89
C ALA A 26 0.57 22.72 -4.09
N TRP A 27 -0.73 22.48 -4.13
CA TRP A 27 -1.38 21.77 -5.21
C TRP A 27 -2.82 22.27 -5.28
N ASP A 28 -3.54 21.87 -6.32
CA ASP A 28 -4.94 22.23 -6.45
C ASP A 28 -5.73 21.01 -6.92
N GLU A 29 -7.05 21.11 -6.80
CA GLU A 29 -7.92 19.97 -7.06
C GLU A 29 -7.89 19.53 -8.52
N SER A 30 -7.48 20.41 -9.43
CA SER A 30 -7.39 20.03 -10.84
C SER A 30 -6.49 18.82 -11.03
N GLN A 31 -5.53 18.62 -10.12
CA GLN A 31 -4.55 17.56 -10.24
C GLN A 31 -5.03 16.23 -9.67
N LEU A 32 -6.28 16.14 -9.22
CA LEU A 32 -6.83 14.92 -8.68
C LEU A 32 -7.70 14.21 -9.71
N ARG A 33 -7.58 12.89 -9.78
CA ARG A 33 -8.44 12.10 -10.65
C ARG A 33 -9.86 12.07 -10.09
N SER A 34 -10.82 11.80 -10.97
CA SER A 34 -12.23 11.86 -10.64
C SER A 34 -12.78 10.44 -10.45
N TYR A 35 -13.49 10.22 -9.36
CA TYR A 35 -14.02 8.90 -9.02
C TYR A 35 -15.50 9.02 -8.63
N SER A 36 -16.14 7.87 -8.50
CA SER A 36 -17.60 7.79 -8.39
C SER A 36 -18.11 7.86 -6.96
N PHE A 37 -17.23 7.88 -5.96
CA PHE A 37 -17.64 7.75 -4.57
C PHE A 37 -17.33 9.01 -3.78
N PRO A 38 -18.04 9.25 -2.69
CA PRO A 38 -17.71 10.37 -1.81
C PRO A 38 -16.57 10.01 -0.85
N THR A 39 -15.99 11.05 -0.27
CA THR A 39 -14.94 10.89 0.73
C THR A 39 -15.11 11.94 1.80
N ARG A 40 -14.45 11.73 2.92
CA ARG A 40 -14.25 12.73 3.95
C ARG A 40 -12.79 12.72 4.37
N PRO A 41 -12.29 13.83 4.91
CA PRO A 41 -10.84 13.98 5.04
C PRO A 41 -10.26 13.21 6.21
N ILE A 42 -9.06 12.69 6.00
CA ILE A 42 -8.27 12.14 7.12
C ILE A 42 -7.74 13.30 7.97
N PRO A 43 -7.77 13.20 9.30
CA PRO A 43 -7.27 14.32 10.11
C PRO A 43 -5.77 14.54 9.91
N ARG A 44 -5.39 15.81 9.84
CA ARG A 44 -3.98 16.22 9.83
C ARG A 44 -3.67 16.82 11.19
N LEU A 45 -2.75 16.19 11.92
CA LEU A 45 -2.50 16.55 13.31
C LEU A 45 -1.00 16.58 13.58
N SER A 46 -0.65 17.26 14.67
CA SER A 46 0.70 17.17 15.21
C SER A 46 0.85 15.87 15.99
N GLN A 47 2.04 15.29 15.94
CA GLN A 47 2.30 14.06 16.67
C GLN A 47 2.19 14.26 18.18
N SER A 48 2.23 15.51 18.65
CA SER A 48 2.02 15.81 20.06
C SER A 48 0.54 15.94 20.41
N ASP A 49 -0.35 15.90 19.43
CA ASP A 49 -1.77 16.06 19.68
C ASP A 49 -2.34 14.77 20.25
N PRO A 50 -2.98 14.78 21.42
CA PRO A 50 -3.48 13.53 21.98
C PRO A 50 -4.47 12.82 21.07
N ARG A 51 -5.18 13.57 20.22
CA ARG A 51 -6.10 12.94 19.27
C ARG A 51 -5.35 12.06 18.29
N ALA A 52 -4.13 12.47 17.89
CA ALA A 52 -3.32 11.63 17.03
C ALA A 52 -3.01 10.30 17.69
N GLU A 53 -2.56 10.34 18.95
CA GLU A 53 -2.31 9.11 19.69
C GLU A 53 -3.58 8.27 19.79
N GLU A 54 -4.73 8.92 19.99
CA GLU A 54 -5.99 8.20 20.06
C GLU A 54 -6.28 7.45 18.77
N LEU A 55 -6.05 8.10 17.63
CA LEU A 55 -6.35 7.49 16.34
C LEU A 55 -5.46 6.28 16.08
N ILE A 56 -4.18 6.38 16.39
CA ILE A 56 -3.27 5.25 16.15
C ILE A 56 -3.63 4.09 17.05
N GLU A 57 -3.85 4.36 18.35
CA GLU A 57 -4.19 3.30 19.28
C GLU A 57 -5.45 2.55 18.86
N ASN A 58 -6.40 3.25 18.24
CA ASN A 58 -7.63 2.63 17.76
C ASN A 58 -7.53 2.22 16.28
N GLU A 59 -6.32 2.19 15.73
CA GLU A 59 -6.08 1.71 14.37
C GLU A 59 -6.97 2.44 13.37
N GLU A 60 -6.96 3.77 13.45
CA GLU A 60 -7.61 4.63 12.47
C GLU A 60 -6.56 5.52 11.80
N PRO A 61 -6.73 5.84 10.52
CA PRO A 61 -5.70 6.61 9.81
C PRO A 61 -5.58 8.03 10.33
N VAL A 62 -4.35 8.55 10.27
CA VAL A 62 -4.06 9.92 10.65
C VAL A 62 -2.82 10.37 9.90
N VAL A 63 -2.81 11.64 9.47
CA VAL A 63 -1.64 12.26 8.87
C VAL A 63 -0.93 13.05 9.96
N LEU A 64 0.32 12.71 10.22
CA LEU A 64 1.15 13.42 11.19
C LEU A 64 2.10 14.35 10.44
N THR A 65 2.06 15.63 10.81
CA THR A 65 2.72 16.67 10.04
C THR A 65 4.13 17.01 10.53
N ASP A 66 4.54 16.51 11.70
CA ASP A 66 5.75 17.03 12.34
C ASP A 66 6.49 15.92 13.08
N THR A 67 6.57 14.73 12.48
CA THR A 67 7.29 13.64 13.13
C THR A 67 8.80 13.75 12.92
N ASN A 68 9.23 14.39 11.82
CA ASN A 68 10.64 14.37 11.42
C ASN A 68 11.12 12.93 11.17
N LEU A 69 10.18 12.05 10.83
CA LEU A 69 10.50 10.63 10.68
C LEU A 69 11.62 10.42 9.66
N VAL A 70 11.52 11.09 8.51
CA VAL A 70 12.51 10.94 7.44
C VAL A 70 13.10 12.29 7.10
N TYR A 71 13.27 13.14 8.12
CA TYR A 71 13.83 14.48 7.90
C TYR A 71 15.09 14.46 7.06
N PRO A 72 16.08 13.61 7.30
CA PRO A 72 17.29 13.63 6.46
C PRO A 72 17.03 13.29 5.00
N ALA A 73 15.92 12.61 4.69
CA ALA A 73 15.64 12.21 3.32
C ALA A 73 14.92 13.29 2.51
N LEU A 74 14.48 14.37 3.16
CA LEU A 74 13.76 15.41 2.44
C LEU A 74 14.64 16.14 1.43
N LYS A 75 15.95 16.02 1.55
CA LYS A 75 16.86 16.55 0.54
C LYS A 75 17.01 15.63 -0.66
N TRP A 76 16.34 14.47 -0.66
CA TRP A 76 16.52 13.49 -1.72
C TRP A 76 15.89 13.96 -3.03
N ASP A 77 16.65 13.87 -4.11
CA ASP A 77 16.12 13.94 -5.46
C ASP A 77 16.89 12.91 -6.29
N LEU A 78 16.53 12.79 -7.57
CA LEU A 78 17.13 11.75 -8.40
C LEU A 78 18.64 11.89 -8.48
N GLU A 79 19.13 13.14 -8.52
CA GLU A 79 20.57 13.35 -8.58
C GLU A 79 21.26 12.85 -7.32
N TYR A 80 20.79 13.32 -6.16
CA TYR A 80 21.39 12.89 -4.89
C TYR A 80 21.38 11.37 -4.77
N LEU A 81 20.27 10.73 -5.15
CA LEU A 81 20.14 9.29 -4.98
C LEU A 81 21.05 8.53 -5.94
N GLN A 82 21.02 8.90 -7.22
CA GLN A 82 21.91 8.26 -8.19
C GLN A 82 23.36 8.35 -7.74
N GLU A 83 23.75 9.48 -7.17
CA GLU A 83 25.12 9.67 -6.72
C GLU A 83 25.46 8.81 -5.51
N ASN A 84 24.48 8.54 -4.64
CA ASN A 84 24.76 7.98 -3.33
C ASN A 84 24.08 6.65 -3.02
N ILE A 85 23.06 6.24 -3.77
CA ILE A 85 22.30 5.06 -3.38
C ILE A 85 23.00 3.76 -3.74
N GLY A 86 24.15 3.81 -4.41
CA GLY A 86 24.91 2.61 -4.68
C GLY A 86 24.62 2.03 -6.04
N ASN A 87 25.06 0.78 -6.22
CA ASN A 87 24.94 0.08 -7.49
C ASN A 87 24.23 -1.25 -7.34
N GLY A 88 23.31 -1.36 -6.38
CA GLY A 88 22.46 -2.52 -6.28
C GLY A 88 21.40 -2.52 -7.37
N ASP A 89 20.63 -3.61 -7.40
CA ASP A 89 19.54 -3.73 -8.35
C ASP A 89 18.27 -3.13 -7.75
N PHE A 90 17.52 -2.42 -8.59
CA PHE A 90 16.26 -1.81 -8.20
C PHE A 90 15.15 -2.34 -9.09
N SER A 91 14.09 -2.87 -8.47
CA SER A 91 12.92 -3.29 -9.22
C SER A 91 12.19 -2.08 -9.76
N VAL A 92 12.05 -2.01 -11.08
CA VAL A 92 11.32 -0.92 -11.74
C VAL A 92 10.20 -1.54 -12.55
N TYR A 93 8.96 -1.22 -12.20
CA TYR A 93 7.81 -1.69 -12.94
C TYR A 93 7.51 -0.75 -14.10
N SER A 94 7.12 -1.33 -15.23
CA SER A 94 6.78 -0.58 -16.43
C SER A 94 5.36 -0.94 -16.86
N ALA A 95 4.60 0.07 -17.27
CA ALA A 95 3.23 -0.13 -17.70
C ALA A 95 2.89 0.88 -18.78
N SER A 96 2.00 0.47 -19.68
CA SER A 96 1.42 1.37 -20.67
C SER A 96 0.16 2.06 -20.15
N THR A 97 -0.18 1.84 -18.88
CA THR A 97 -1.30 2.50 -18.23
C THR A 97 -0.80 3.18 -16.96
N HIS A 98 -1.63 4.07 -16.42
CA HIS A 98 -1.30 4.72 -15.16
C HIS A 98 -1.55 3.85 -13.94
N LYS A 99 -2.20 2.70 -14.11
CA LYS A 99 -2.53 1.81 -13.01
C LYS A 99 -1.43 0.77 -12.86
N PHE A 100 -0.71 0.82 -11.73
CA PHE A 100 0.29 -0.19 -11.41
C PHE A 100 -0.28 -1.19 -10.41
N LEU A 101 -1.19 -2.02 -10.92
CA LEU A 101 -1.82 -3.06 -10.11
C LEU A 101 -0.79 -4.07 -9.64
N TYR A 102 -0.64 -4.20 -8.34
CA TYR A 102 0.30 -5.18 -7.79
C TYR A 102 -0.19 -6.59 -8.08
N TYR A 103 0.75 -7.48 -8.40
CA TYR A 103 0.47 -8.89 -8.56
C TYR A 103 1.65 -9.70 -8.04
N ASP A 104 1.36 -10.86 -7.47
CA ASP A 104 2.39 -11.76 -6.95
C ASP A 104 2.81 -12.70 -8.07
N GLU A 105 4.06 -12.54 -8.53
CA GLU A 105 4.56 -13.39 -9.60
C GLU A 105 4.48 -14.88 -9.24
N LYS A 106 4.60 -15.20 -7.95
CA LYS A 106 4.65 -16.60 -7.55
C LYS A 106 3.31 -17.31 -7.66
N LYS A 107 2.21 -16.56 -7.72
CA LYS A 107 0.88 -17.15 -7.85
C LYS A 107 0.39 -17.17 -9.29
N MET A 108 1.19 -16.72 -10.25
CA MET A 108 0.73 -16.67 -11.64
C MET A 108 0.47 -18.04 -12.22
N ALA A 109 1.07 -19.09 -11.66
CA ALA A 109 0.79 -20.44 -12.15
C ALA A 109 -0.67 -20.81 -11.94
N ASN A 110 -1.26 -20.39 -10.83
CA ASN A 110 -2.64 -20.76 -10.52
C ASN A 110 -3.64 -20.16 -11.51
N PHE A 111 -3.28 -19.07 -12.19
CA PHE A 111 -4.18 -18.34 -13.07
C PHE A 111 -3.42 -17.98 -14.35
N GLN A 112 -3.16 -18.98 -15.18
CA GLN A 112 -2.39 -18.75 -16.41
C GLN A 112 -3.14 -17.89 -17.42
N ASN A 113 -4.45 -17.71 -17.26
CA ASN A 113 -5.19 -16.76 -18.09
C ASN A 113 -5.00 -15.32 -17.65
N PHE A 114 -4.15 -15.08 -16.66
CA PHE A 114 -3.90 -13.74 -16.15
C PHE A 114 -2.69 -13.14 -16.86
N LYS A 115 -2.90 -12.05 -17.60
CA LYS A 115 -1.84 -11.37 -18.32
C LYS A 115 -1.55 -10.04 -17.64
N PRO A 116 -0.46 -9.92 -16.87
CA PRO A 116 -0.22 -8.66 -16.16
C PRO A 116 -0.03 -7.50 -17.12
N ARG A 117 -0.52 -6.33 -16.70
CA ARG A 117 -0.39 -5.11 -17.48
C ARG A 117 0.83 -4.29 -17.11
N SER A 118 1.57 -4.69 -16.07
CA SER A 118 2.85 -4.10 -15.73
C SER A 118 3.88 -5.21 -15.62
N ASN A 119 5.13 -4.88 -15.96
CA ASN A 119 6.22 -5.84 -15.96
C ASN A 119 7.34 -5.33 -15.06
N ARG A 120 7.98 -6.26 -14.36
CA ARG A 120 9.09 -5.91 -13.48
C ARG A 120 10.42 -6.07 -14.23
N GLU A 121 11.30 -5.09 -14.06
CA GLU A 121 12.62 -5.12 -14.67
C GLU A 121 13.63 -4.65 -13.64
N GLU A 122 14.64 -5.48 -13.37
CA GLU A 122 15.75 -5.08 -12.51
C GLU A 122 16.71 -4.21 -13.31
N MET A 123 17.26 -3.20 -12.63
CA MET A 123 18.22 -2.31 -13.28
C MET A 123 18.93 -1.50 -12.20
N LYS A 124 20.04 -0.89 -12.60
CA LYS A 124 20.77 0.01 -11.72
C LYS A 124 20.05 1.34 -11.64
N PHE A 125 20.29 2.08 -10.55
CA PHE A 125 19.55 3.32 -10.35
C PHE A 125 19.76 4.29 -11.51
N HIS A 126 21.01 4.42 -11.96
CA HIS A 126 21.27 5.35 -13.05
C HIS A 126 20.58 4.92 -14.33
N GLU A 127 20.34 3.61 -14.51
CA GLU A 127 19.56 3.15 -15.64
C GLU A 127 18.09 3.58 -15.50
N PHE A 128 17.58 3.58 -14.27
CA PHE A 128 16.22 4.05 -14.03
C PHE A 128 16.10 5.53 -14.38
N VAL A 129 17.04 6.35 -13.93
CA VAL A 129 17.00 7.77 -14.25
C VAL A 129 17.12 7.98 -15.75
N GLU A 130 18.05 7.27 -16.39
CA GLU A 130 18.23 7.40 -17.83
C GLU A 130 16.98 6.99 -18.58
N LYS A 131 16.43 5.81 -18.26
CA LYS A 131 15.18 5.40 -18.90
C LYS A 131 14.08 6.41 -18.63
N LEU A 132 14.02 6.93 -17.40
CA LEU A 132 13.11 8.03 -17.11
C LEU A 132 13.37 9.21 -18.03
N GLN A 133 14.65 9.57 -18.21
CA GLN A 133 14.99 10.74 -19.02
C GLN A 133 14.56 10.55 -20.47
N ASP A 134 14.87 9.39 -21.06
CA ASP A 134 14.50 9.14 -22.44
C ASP A 134 13.00 9.36 -22.65
N ILE A 135 12.18 8.74 -21.81
CA ILE A 135 10.73 8.84 -21.97
C ILE A 135 10.28 10.29 -21.96
N GLN A 136 10.86 11.10 -21.08
CA GLN A 136 10.50 12.52 -21.04
C GLN A 136 10.88 13.22 -22.34
N GLN A 137 12.05 12.89 -22.91
CA GLN A 137 12.47 13.52 -24.15
C GLN A 137 11.55 13.12 -25.31
N ARG A 138 11.32 11.82 -25.48
CA ARG A 138 10.54 11.30 -26.59
C ARG A 138 9.04 11.53 -26.45
N GLY A 139 8.58 12.11 -25.33
CA GLY A 139 7.16 12.28 -25.12
C GLY A 139 6.40 10.98 -25.02
N GLY A 140 7.09 9.87 -24.73
CA GLY A 140 6.44 8.58 -24.74
C GLY A 140 5.31 8.50 -23.74
N GLU A 141 4.47 7.48 -23.93
CA GLU A 141 3.38 7.19 -23.02
C GLU A 141 3.75 6.18 -21.94
N GLU A 142 4.84 5.43 -22.12
CA GLU A 142 5.27 4.46 -21.12
C GLU A 142 5.37 5.12 -19.75
N ARG A 143 5.15 4.32 -18.71
CA ARG A 143 5.22 4.79 -17.34
C ARG A 143 6.09 3.84 -16.51
N LEU A 144 6.78 4.42 -15.53
CA LEU A 144 7.70 3.68 -14.66
C LEU A 144 7.34 3.93 -13.21
N TYR A 145 7.61 2.93 -12.37
CA TYR A 145 7.39 3.07 -10.92
C TYR A 145 8.43 2.20 -10.22
N LEU A 146 9.43 2.84 -9.62
CA LEU A 146 10.44 2.10 -8.88
C LEU A 146 9.91 1.76 -7.49
N GLN A 147 9.99 0.49 -7.13
CA GLN A 147 9.55 -0.01 -5.83
C GLN A 147 10.60 -1.01 -5.35
N GLN A 148 11.44 -0.59 -4.41
CA GLN A 148 12.58 -1.40 -4.00
C GLN A 148 12.78 -1.30 -2.49
N THR A 149 12.83 -2.45 -1.84
CA THR A 149 13.20 -2.52 -0.43
C THR A 149 14.63 -2.01 -0.23
N LEU A 150 14.81 -1.15 0.77
CA LEU A 150 16.14 -0.69 1.13
C LEU A 150 16.91 -1.82 1.81
N ASN A 151 18.22 -1.90 1.54
CA ASN A 151 19.02 -3.01 2.02
C ASN A 151 20.47 -2.54 2.21
N ASP A 152 21.36 -3.50 2.45
CA ASP A 152 22.75 -3.20 2.80
C ASP A 152 23.52 -2.53 1.67
N THR A 153 23.08 -2.69 0.43
CA THR A 153 23.89 -2.27 -0.71
C THR A 153 23.90 -0.76 -0.93
N VAL A 154 23.19 0.01 -0.11
CA VAL A 154 23.09 1.44 -0.33
C VAL A 154 24.41 2.12 0.05
N GLY A 155 24.68 3.25 -0.60
CA GLY A 155 25.94 3.94 -0.39
C GLY A 155 26.04 4.57 0.99
N ARG A 156 27.22 5.13 1.25
CA ARG A 156 27.54 5.62 2.60
C ARG A 156 26.57 6.71 3.04
N LYS A 157 26.36 7.72 2.19
CA LYS A 157 25.55 8.86 2.60
C LYS A 157 24.08 8.48 2.78
N ILE A 158 23.61 7.47 2.07
CA ILE A 158 22.24 7.01 2.27
C ILE A 158 22.12 6.27 3.60
N VAL A 159 23.17 5.54 3.98
CA VAL A 159 23.18 4.89 5.30
C VAL A 159 23.08 5.94 6.39
N MET A 160 23.83 7.02 6.27
CA MET A 160 23.79 8.07 7.30
C MET A 160 22.42 8.72 7.37
N ASP A 161 21.80 8.99 6.20
CA ASP A 161 20.44 9.51 6.20
C ASP A 161 19.50 8.54 6.92
N PHE A 162 19.55 7.26 6.54
CA PHE A 162 18.72 6.25 7.17
C PHE A 162 18.89 6.26 8.69
N LEU A 163 20.13 6.33 9.16
CA LEU A 163 20.36 6.38 10.60
C LEU A 163 19.75 7.62 11.23
N GLY A 164 19.62 8.70 10.46
CA GLY A 164 19.05 9.93 10.95
C GLY A 164 17.55 9.99 10.99
N PHE A 165 16.87 8.93 10.57
CA PHE A 165 15.42 8.89 10.75
C PHE A 165 15.08 8.94 12.24
N ASN A 166 13.84 9.32 12.54
CA ASN A 166 13.40 9.49 13.93
C ASN A 166 13.00 8.12 14.50
N TRP A 167 14.03 7.31 14.77
CA TRP A 167 13.79 5.99 15.34
C TRP A 167 13.24 6.08 16.75
N ASN A 168 13.63 7.12 17.50
CA ASN A 168 13.08 7.31 18.84
C ASN A 168 11.56 7.39 18.79
N TRP A 169 11.01 8.16 17.84
CA TRP A 169 9.56 8.32 17.78
C TRP A 169 8.88 7.04 17.32
N ILE A 170 9.36 6.46 16.22
CA ILE A 170 8.67 5.31 15.64
C ILE A 170 8.90 4.04 16.47
N ASN A 171 10.07 3.92 17.12
CA ASN A 171 10.29 2.78 18.00
C ASN A 171 9.32 2.80 19.17
N LYS A 172 9.04 3.99 19.71
CA LYS A 172 8.09 4.07 20.82
C LYS A 172 6.67 3.80 20.36
N GLN A 173 6.34 4.12 19.11
CA GLN A 173 5.05 3.72 18.56
C GLN A 173 4.96 2.20 18.47
N GLN A 174 5.99 1.57 17.93
CA GLN A 174 6.00 0.11 17.81
C GLN A 174 5.83 -0.55 19.17
N GLY A 175 6.47 -0.02 20.20
CA GLY A 175 6.34 -0.60 21.53
C GLY A 175 4.97 -0.34 22.15
N LYS A 176 4.47 0.89 22.00
CA LYS A 176 3.17 1.23 22.58
C LYS A 176 2.04 0.40 21.96
N ARG A 177 2.15 0.07 20.68
CA ARG A 177 1.09 -0.67 19.99
C ARG A 177 1.30 -2.18 20.01
N GLY A 178 2.37 -2.66 20.63
CA GLY A 178 2.62 -4.09 20.67
C GLY A 178 2.92 -4.72 19.34
N TRP A 179 3.32 -3.94 18.35
CA TRP A 179 3.60 -4.47 17.02
C TRP A 179 4.81 -5.40 17.05
N GLY A 180 4.95 -6.18 15.99
CA GLY A 180 6.12 -7.01 15.78
C GLY A 180 7.26 -6.21 15.18
N GLN A 181 8.12 -6.90 14.44
CA GLN A 181 9.33 -6.29 13.91
C GLN A 181 9.04 -5.41 12.71
N LEU A 182 9.88 -4.39 12.53
CA LEU A 182 9.98 -3.73 11.24
C LEU A 182 10.49 -4.74 10.21
N THR A 183 9.67 -5.01 9.19
CA THR A 183 10.05 -6.00 8.19
C THR A 183 10.76 -5.37 7.00
N SER A 184 10.48 -4.10 6.69
CA SER A 184 10.90 -3.57 5.41
C SER A 184 10.66 -2.07 5.36
N ASN A 185 11.51 -1.37 4.60
CA ASN A 185 11.28 0.01 4.18
C ASN A 185 11.26 0.00 2.66
N LEU A 186 10.09 0.27 2.08
CA LEU A 186 9.94 0.25 0.63
C LEU A 186 10.18 1.66 0.07
N LEU A 187 11.20 1.80 -0.77
CA LEU A 187 11.44 3.06 -1.46
C LEU A 187 10.56 3.13 -2.71
N LEU A 188 9.83 4.22 -2.86
CA LEU A 188 8.86 4.38 -3.94
C LEU A 188 9.17 5.65 -4.69
N ILE A 189 9.47 5.53 -5.99
CA ILE A 189 9.70 6.68 -6.86
C ILE A 189 8.82 6.49 -8.09
N GLY A 190 7.86 7.40 -8.27
CA GLY A 190 6.89 7.26 -9.33
C GLY A 190 6.79 8.54 -10.16
N MET A 191 6.22 8.37 -11.35
CA MET A 191 5.97 9.50 -12.24
C MET A 191 4.61 10.11 -11.92
N GLU A 192 4.51 11.42 -12.13
CA GLU A 192 3.24 12.11 -11.98
C GLU A 192 2.13 11.33 -12.68
N GLY A 193 0.98 11.21 -12.01
CA GLY A 193 -0.15 10.49 -12.54
C GLY A 193 -0.16 9.00 -12.23
N ASN A 194 0.93 8.44 -11.72
CA ASN A 194 0.96 7.02 -11.39
C ASN A 194 -0.09 6.71 -10.31
N VAL A 195 -0.66 5.51 -10.40
CA VAL A 195 -1.69 5.05 -9.47
C VAL A 195 -1.35 3.65 -9.01
N THR A 196 -1.41 3.42 -7.69
CA THR A 196 -1.43 2.07 -7.15
C THR A 196 -2.86 1.73 -6.78
N PRO A 197 -3.53 0.83 -7.50
CA PRO A 197 -4.95 0.58 -7.23
C PRO A 197 -5.21 0.11 -5.81
N ALA A 198 -6.48 0.22 -5.40
CA ALA A 198 -6.89 -0.07 -4.04
C ALA A 198 -6.50 -1.49 -3.64
N HIS A 199 -6.01 -1.62 -2.41
CA HIS A 199 -5.61 -2.90 -1.83
C HIS A 199 -5.43 -2.69 -0.33
N TYR A 200 -5.30 -3.79 0.40
CA TYR A 200 -4.94 -3.74 1.80
C TYR A 200 -3.71 -4.61 2.03
N ASP A 201 -2.93 -4.25 3.06
CA ASP A 201 -1.73 -4.96 3.44
C ASP A 201 -1.91 -5.59 4.81
N GLU A 202 -1.25 -6.73 5.01
CA GLU A 202 -1.28 -7.43 6.30
C GLU A 202 -0.20 -6.96 7.25
N GLN A 203 0.19 -5.69 7.19
CA GLN A 203 1.14 -5.12 8.12
C GLN A 203 0.77 -3.67 8.38
N GLN A 204 1.23 -3.18 9.53
CA GLN A 204 1.08 -1.77 9.87
C GLN A 204 2.06 -0.94 9.05
N ASN A 205 1.66 0.28 8.70
CA ASN A 205 2.42 1.08 7.74
C ASN A 205 2.46 2.53 8.18
N PHE A 206 3.66 3.07 8.34
CA PHE A 206 3.88 4.51 8.42
C PHE A 206 4.44 4.96 7.07
N PHE A 207 3.64 5.74 6.35
CA PHE A 207 3.85 6.07 4.93
C PHE A 207 4.46 7.47 4.88
N ALA A 208 5.77 7.55 4.67
CA ALA A 208 6.54 8.78 4.86
C ALA A 208 6.80 9.43 3.52
N GLN A 209 6.11 10.54 3.26
CA GLN A 209 6.24 11.25 2.00
C GLN A 209 7.49 12.14 2.02
N ILE A 210 8.21 12.14 0.90
CA ILE A 210 9.52 12.77 0.80
C ILE A 210 9.55 13.85 -0.27
N LYS A 211 9.13 13.53 -1.49
CA LYS A 211 9.08 14.49 -2.58
C LYS A 211 7.74 14.38 -3.30
N GLY A 212 7.24 15.52 -3.75
CA GLY A 212 5.99 15.52 -4.47
C GLY A 212 4.81 15.26 -3.54
N TYR A 213 3.66 15.04 -4.18
CA TYR A 213 2.39 14.92 -3.48
C TYR A 213 1.65 13.69 -3.94
N LYS A 214 1.13 12.92 -2.97
CA LYS A 214 0.34 11.73 -3.23
C LYS A 214 -1.03 11.88 -2.60
N ARG A 215 -2.07 11.61 -3.38
CA ARG A 215 -3.43 11.54 -2.87
C ARG A 215 -3.69 10.13 -2.38
N CYS A 216 -4.11 10.01 -1.13
CA CYS A 216 -4.35 8.73 -0.49
C CYS A 216 -5.82 8.63 -0.13
N ILE A 217 -6.48 7.57 -0.62
CA ILE A 217 -7.89 7.32 -0.33
C ILE A 217 -7.97 5.98 0.39
N LEU A 218 -8.41 6.00 1.64
CA LEU A 218 -8.47 4.81 2.47
C LEU A 218 -9.92 4.40 2.70
N PHE A 219 -10.13 3.09 2.88
CA PHE A 219 -11.43 2.54 3.21
C PHE A 219 -11.26 1.59 4.39
N PRO A 220 -12.11 1.67 5.41
CA PRO A 220 -11.94 0.82 6.59
C PRO A 220 -12.16 -0.65 6.25
N PRO A 221 -11.69 -1.56 7.11
CA PRO A 221 -11.84 -2.99 6.80
C PRO A 221 -13.27 -3.45 6.63
N ASP A 222 -14.25 -2.76 7.22
CA ASP A 222 -15.64 -3.19 7.15
C ASP A 222 -16.29 -2.91 5.80
N GLN A 223 -15.57 -2.32 4.85
CA GLN A 223 -16.05 -2.16 3.49
C GLN A 223 -15.53 -3.25 2.57
N PHE A 224 -15.08 -4.37 3.15
CA PHE A 224 -14.71 -5.54 2.36
C PHE A 224 -15.79 -5.89 1.34
N GLU A 225 -17.06 -5.82 1.75
CA GLU A 225 -18.15 -6.20 0.86
C GLU A 225 -18.27 -5.30 -0.36
N CYS A 226 -17.71 -4.08 -0.30
CA CYS A 226 -17.86 -3.11 -1.36
C CYS A 226 -16.68 -3.07 -2.32
N LEU A 227 -15.58 -3.75 -1.99
CA LEU A 227 -14.33 -3.59 -2.72
C LEU A 227 -13.86 -4.87 -3.42
N TYR A 228 -14.47 -6.01 -3.13
CA TYR A 228 -14.34 -7.21 -3.96
C TYR A 228 -12.89 -7.58 -4.28
N PRO A 229 -12.10 -7.95 -3.27
CA PRO A 229 -10.74 -8.43 -3.55
C PRO A 229 -10.76 -9.65 -4.45
N TYR A 230 -9.64 -9.88 -5.14
CA TYR A 230 -9.46 -11.09 -5.91
C TYR A 230 -9.45 -12.30 -4.98
N PRO A 231 -9.60 -13.52 -5.52
CA PRO A 231 -9.41 -14.71 -4.69
C PRO A 231 -8.01 -14.73 -4.08
N VAL A 232 -7.90 -15.38 -2.92
CA VAL A 232 -6.63 -15.40 -2.20
C VAL A 232 -5.53 -16.01 -3.05
N HIS A 233 -5.87 -17.02 -3.86
CA HIS A 233 -4.86 -17.68 -4.68
C HIS A 233 -4.61 -16.97 -6.00
N HIS A 234 -5.35 -15.90 -6.30
CA HIS A 234 -5.10 -15.12 -7.49
C HIS A 234 -3.84 -14.27 -7.31
N PRO A 235 -3.08 -14.03 -8.37
CA PRO A 235 -1.90 -13.16 -8.24
C PRO A 235 -2.20 -11.81 -7.59
N CYS A 236 -3.39 -11.27 -7.80
CA CYS A 236 -3.79 -9.98 -7.24
C CYS A 236 -4.52 -10.13 -5.92
N ASP A 237 -4.21 -11.16 -5.16
CA ASP A 237 -4.68 -11.29 -3.79
C ASP A 237 -4.45 -9.98 -3.03
N ARG A 238 -5.47 -9.56 -2.29
CA ARG A 238 -5.52 -8.36 -1.45
C ARG A 238 -5.81 -7.09 -2.27
N GLN A 239 -5.81 -7.15 -3.59
CA GLN A 239 -6.14 -6.00 -4.42
C GLN A 239 -7.62 -6.04 -4.81
N SER A 240 -8.20 -4.87 -5.00
CA SER A 240 -9.61 -4.77 -5.39
C SER A 240 -9.77 -5.12 -6.87
N GLN A 241 -10.84 -5.86 -7.18
CA GLN A 241 -11.18 -6.16 -8.55
C GLN A 241 -11.85 -4.99 -9.27
N VAL A 242 -12.30 -3.98 -8.54
CA VAL A 242 -13.08 -2.90 -9.14
C VAL A 242 -12.14 -1.96 -9.87
N ASP A 243 -12.44 -1.68 -11.13
CA ASP A 243 -11.73 -0.65 -11.89
C ASP A 243 -12.30 0.70 -11.47
N PHE A 244 -11.56 1.39 -10.60
CA PHE A 244 -12.01 2.68 -10.10
C PHE A 244 -12.32 3.67 -11.22
N ASP A 245 -11.73 3.48 -12.40
CA ASP A 245 -11.99 4.38 -13.52
C ASP A 245 -13.26 4.02 -14.28
N ASN A 246 -13.73 2.77 -14.18
CA ASN A 246 -14.98 2.35 -14.80
C ASN A 246 -15.56 1.19 -14.01
N PRO A 247 -16.17 1.48 -12.85
CA PRO A 247 -16.70 0.40 -12.01
C PRO A 247 -17.83 -0.36 -12.69
N ASP A 248 -17.70 -1.68 -12.73
CA ASP A 248 -18.73 -2.57 -13.25
C ASP A 248 -19.73 -2.81 -12.12
N TYR A 249 -20.77 -1.98 -12.08
CA TYR A 249 -21.75 -2.04 -11.00
C TYR A 249 -22.61 -3.30 -11.03
N GLU A 250 -22.62 -4.04 -12.15
CA GLU A 250 -23.38 -5.27 -12.19
C GLU A 250 -22.62 -6.43 -11.54
N ARG A 251 -21.29 -6.46 -11.70
CA ARG A 251 -20.48 -7.44 -10.98
C ARG A 251 -20.26 -7.01 -9.54
N PHE A 252 -20.10 -5.71 -9.31
CA PHE A 252 -19.68 -5.17 -8.02
C PHE A 252 -20.71 -4.16 -7.52
N PRO A 253 -21.95 -4.59 -7.29
CA PRO A 253 -23.01 -3.64 -6.94
C PRO A 253 -22.73 -2.84 -5.68
N ASN A 254 -22.13 -3.47 -4.66
CA ASN A 254 -21.91 -2.77 -3.40
C ASN A 254 -20.79 -1.74 -3.48
N PHE A 255 -20.08 -1.64 -4.61
CA PHE A 255 -19.16 -0.52 -4.78
C PHE A 255 -19.90 0.81 -4.84
N GLN A 256 -21.21 0.79 -5.07
CA GLN A 256 -22.02 2.00 -5.01
C GLN A 256 -22.23 2.50 -3.60
N ASN A 257 -21.81 1.73 -2.60
CA ASN A 257 -21.94 2.12 -1.19
C ASN A 257 -20.59 2.46 -0.56
N VAL A 258 -19.52 2.48 -1.35
CA VAL A 258 -18.19 2.70 -0.79
C VAL A 258 -18.04 4.18 -0.42
N VAL A 259 -17.36 4.42 0.70
CA VAL A 259 -17.07 5.79 1.17
C VAL A 259 -15.63 5.80 1.68
N GLY A 260 -14.85 6.76 1.22
CA GLY A 260 -13.42 6.77 1.52
C GLY A 260 -12.99 7.84 2.50
N TYR A 261 -11.79 7.67 3.05
CA TYR A 261 -11.10 8.69 3.84
C TYR A 261 -9.92 9.18 3.01
N GLU A 262 -9.84 10.48 2.78
CA GLU A 262 -8.95 11.04 1.78
C GLU A 262 -8.01 12.07 2.38
N THR A 263 -6.81 12.15 1.81
CA THR A 263 -5.85 13.20 2.15
C THR A 263 -4.81 13.27 1.03
N VAL A 264 -4.07 14.37 1.02
CA VAL A 264 -2.92 14.53 0.15
C VAL A 264 -1.71 14.78 1.04
N VAL A 265 -0.75 13.86 1.00
CA VAL A 265 0.48 13.99 1.77
C VAL A 265 1.54 14.63 0.89
N GLY A 266 2.34 15.51 1.49
CA GLY A 266 3.47 16.11 0.82
C GLY A 266 4.73 15.93 1.65
N PRO A 267 5.84 16.51 1.19
CA PRO A 267 7.11 16.33 1.91
C PRO A 267 7.00 16.63 3.40
N GLY A 268 7.37 15.67 4.23
CA GLY A 268 7.34 15.80 5.67
C GLY A 268 6.14 15.17 6.34
N ASP A 269 5.09 14.87 5.59
CA ASP A 269 3.91 14.23 6.16
C ASP A 269 4.15 12.73 6.32
N VAL A 270 3.52 12.16 7.35
CA VAL A 270 3.52 10.72 7.58
C VAL A 270 2.08 10.28 7.75
N LEU A 271 1.63 9.38 6.90
CA LEU A 271 0.28 8.82 6.97
C LEU A 271 0.34 7.45 7.61
N TYR A 272 -0.37 7.29 8.72
CA TYR A 272 -0.55 5.97 9.31
C TYR A 272 -1.63 5.23 8.54
N ILE A 273 -1.23 4.18 7.82
CA ILE A 273 -2.17 3.31 7.13
C ILE A 273 -2.34 2.07 7.99
N PRO A 274 -3.41 1.95 8.77
CA PRO A 274 -3.52 0.80 9.67
C PRO A 274 -3.66 -0.50 8.89
N MET A 275 -3.15 -1.57 9.49
CA MET A 275 -3.24 -2.88 8.87
C MET A 275 -4.69 -3.21 8.53
N TYR A 276 -4.87 -3.86 7.37
CA TYR A 276 -6.14 -4.27 6.79
C TYR A 276 -6.88 -3.13 6.11
N TRP A 277 -6.51 -1.87 6.34
CA TRP A 277 -7.22 -0.77 5.70
C TRP A 277 -6.90 -0.71 4.22
N TRP A 278 -7.94 -0.66 3.40
CA TRP A 278 -7.76 -0.46 1.97
C TRP A 278 -7.15 0.92 1.73
N HIS A 279 -6.28 1.02 0.73
CA HIS A 279 -5.77 2.32 0.32
C HIS A 279 -5.53 2.36 -1.18
N HIS A 280 -5.95 3.48 -1.78
CA HIS A 280 -5.70 3.81 -3.18
C HIS A 280 -4.79 5.03 -3.20
N ILE A 281 -3.64 4.91 -3.87
CA ILE A 281 -2.58 5.90 -3.83
C ILE A 281 -2.29 6.37 -5.24
N GLU A 282 -2.24 7.68 -5.45
CA GLU A 282 -1.95 8.22 -6.77
C GLU A 282 -1.05 9.45 -6.65
N SER A 283 -0.04 9.50 -7.51
CA SER A 283 0.83 10.67 -7.61
C SER A 283 0.12 11.75 -8.41
N LEU A 284 0.09 12.96 -7.86
CA LEU A 284 -0.75 14.01 -8.41
C LEU A 284 -0.39 14.30 -9.87
N LEU A 285 -1.43 14.51 -10.67
CA LEU A 285 -1.24 14.89 -12.06
C LEU A 285 -0.42 16.17 -12.16
N ASN A 286 0.56 16.16 -13.08
CA ASN A 286 1.39 17.33 -13.35
C ASN A 286 2.13 17.81 -12.11
N GLY A 287 2.43 16.90 -11.18
CA GLY A 287 3.13 17.24 -9.96
C GLY A 287 4.60 16.87 -9.93
N GLY A 288 5.14 16.36 -11.03
CA GLY A 288 6.50 15.89 -11.03
C GLY A 288 6.60 14.51 -10.40
N ILE A 289 7.85 14.07 -10.19
CA ILE A 289 8.05 12.77 -9.58
C ILE A 289 7.69 12.82 -8.10
N THR A 290 7.39 11.66 -7.54
CA THR A 290 7.10 11.50 -6.13
C THR A 290 8.09 10.52 -5.52
N ILE A 291 8.46 10.78 -4.26
CA ILE A 291 9.32 9.87 -3.51
C ILE A 291 8.67 9.59 -2.16
N THR A 292 8.60 8.32 -1.80
CA THR A 292 8.06 7.90 -0.51
C THR A 292 8.91 6.78 0.03
N VAL A 293 9.00 6.71 1.35
CA VAL A 293 9.55 5.56 2.06
C VAL A 293 8.53 5.13 3.11
N ASN A 294 8.13 3.86 3.07
CA ASN A 294 7.18 3.35 4.05
C ASN A 294 7.92 2.55 5.12
N PHE A 295 7.19 2.22 6.18
CA PHE A 295 7.72 1.50 7.33
C PHE A 295 6.71 0.40 7.66
N TRP A 296 7.01 -0.84 7.25
CA TRP A 296 6.09 -1.95 7.42
C TRP A 296 6.46 -2.73 8.69
N TYR A 297 5.50 -2.83 9.60
CA TYR A 297 5.65 -3.56 10.85
C TYR A 297 4.64 -4.69 10.92
N LYS A 298 5.08 -5.86 11.39
N LYS A 298 5.08 -5.86 11.39
CA LYS A 298 4.14 -6.95 11.65
CA LYS A 298 4.14 -6.94 11.66
C LYS A 298 3.17 -6.53 12.75
C LYS A 298 3.17 -6.53 12.75
N GLY A 299 1.91 -6.93 12.59
CA GLY A 299 0.90 -6.57 13.56
C GLY A 299 1.08 -7.28 14.89
N ALA A 300 0.36 -6.78 15.88
CA ALA A 300 0.36 -7.41 17.19
C ALA A 300 -0.26 -8.81 17.08
N PRO A 301 0.14 -9.74 17.94
CA PRO A 301 -0.42 -11.10 17.88
C PRO A 301 -1.90 -11.09 18.21
N THR A 302 -2.56 -12.19 17.84
CA THR A 302 -3.97 -12.35 18.20
C THR A 302 -4.07 -12.44 19.72
N PRO A 303 -4.96 -11.69 20.35
CA PRO A 303 -4.95 -11.61 21.81
C PRO A 303 -5.31 -12.93 22.46
N LYS A 304 -4.97 -13.03 23.75
CA LYS A 304 -5.24 -14.25 24.50
C LYS A 304 -6.73 -14.54 24.57
N ARG A 305 -7.51 -13.58 25.04
CA ARG A 305 -8.96 -13.70 25.15
C ARG A 305 -9.62 -13.01 23.97
N ILE A 306 -10.59 -13.68 23.34
CA ILE A 306 -11.30 -13.15 22.19
C ILE A 306 -12.58 -12.48 22.67
N GLU A 307 -12.83 -11.27 22.20
CA GLU A 307 -14.02 -10.51 22.55
C GLU A 307 -15.00 -10.54 21.39
N TYR A 308 -16.23 -10.97 21.66
CA TYR A 308 -17.27 -10.97 20.65
C TYR A 308 -18.23 -9.81 20.89
N PRO A 309 -18.79 -9.21 19.82
CA PRO A 309 -18.67 -9.60 18.41
C PRO A 309 -17.29 -9.30 17.83
N LEU A 310 -16.85 -10.10 16.86
CA LEU A 310 -15.52 -9.91 16.29
C LEU A 310 -15.46 -8.62 15.47
N LYS A 311 -14.26 -8.05 15.39
CA LYS A 311 -14.03 -6.89 14.55
C LYS A 311 -13.99 -7.30 13.09
N ALA A 312 -14.18 -6.31 12.21
CA ALA A 312 -14.17 -6.58 10.77
C ALA A 312 -12.86 -7.24 10.36
N HIS A 313 -11.73 -6.74 10.86
CA HIS A 313 -10.44 -7.26 10.41
C HIS A 313 -10.22 -8.69 10.88
N GLN A 314 -10.79 -9.07 12.03
CA GLN A 314 -10.74 -10.46 12.45
C GLN A 314 -11.52 -11.34 11.48
N LYS A 315 -12.65 -10.85 10.98
CA LYS A 315 -13.41 -11.61 9.99
C LYS A 315 -12.66 -11.70 8.67
N VAL A 316 -11.95 -10.65 8.28
CA VAL A 316 -11.11 -10.72 7.09
C VAL A 316 -10.06 -11.79 7.25
N ALA A 317 -9.40 -11.83 8.42
CA ALA A 317 -8.42 -12.88 8.67
C ALA A 317 -9.03 -14.26 8.57
N ILE A 318 -10.25 -14.42 9.08
CA ILE A 318 -10.92 -15.72 9.02
C ILE A 318 -11.19 -16.11 7.57
N MET A 319 -11.76 -15.18 6.80
CA MET A 319 -12.06 -15.46 5.40
C MET A 319 -10.82 -15.87 4.63
N ARG A 320 -9.71 -15.15 4.84
CA ARG A 320 -8.47 -15.52 4.17
C ARG A 320 -8.06 -16.95 4.51
N ASN A 321 -8.12 -17.31 5.80
CA ASN A 321 -7.68 -18.64 6.21
C ASN A 321 -8.61 -19.73 5.68
N ILE A 322 -9.90 -19.45 5.58
CA ILE A 322 -10.82 -20.42 4.97
C ILE A 322 -10.40 -20.70 3.53
N GLU A 323 -10.14 -19.63 2.76
CA GLU A 323 -9.73 -19.81 1.37
C GLU A 323 -8.41 -20.56 1.27
N LYS A 324 -7.44 -20.21 2.13
CA LYS A 324 -6.16 -20.92 2.11
C LYS A 324 -6.34 -22.40 2.41
N MET A 325 -7.10 -22.72 3.46
CA MET A 325 -7.22 -24.11 3.87
C MET A 325 -7.95 -24.94 2.82
N LEU A 326 -8.98 -24.38 2.19
CA LEU A 326 -9.69 -25.13 1.17
C LEU A 326 -8.82 -25.38 -0.05
N GLY A 327 -8.05 -24.38 -0.48
CA GLY A 327 -7.11 -24.60 -1.55
C GLY A 327 -6.12 -25.71 -1.24
N GLU A 328 -5.73 -25.83 0.02
CA GLU A 328 -4.82 -26.90 0.44
C GLU A 328 -5.55 -28.23 0.46
N ALA A 329 -6.70 -28.28 1.13
CA ALA A 329 -7.40 -29.56 1.30
C ALA A 329 -7.89 -30.10 -0.03
N LEU A 330 -8.48 -29.25 -0.87
CA LEU A 330 -8.95 -29.70 -2.17
C LEU A 330 -7.81 -30.01 -3.13
N GLY A 331 -6.58 -29.65 -2.79
CA GLY A 331 -5.45 -29.94 -3.64
C GLY A 331 -5.34 -29.09 -4.87
N ASN A 332 -6.19 -28.07 -5.02
CA ASN A 332 -6.15 -27.21 -6.20
C ASN A 332 -6.95 -25.93 -5.94
N PRO A 333 -6.33 -24.76 -6.09
CA PRO A 333 -7.09 -23.52 -5.87
C PRO A 333 -8.31 -23.38 -6.77
N GLN A 334 -8.29 -23.99 -7.96
CA GLN A 334 -9.42 -23.85 -8.88
C GLN A 334 -10.71 -24.43 -8.30
N GLU A 335 -10.61 -25.31 -7.31
CA GLU A 335 -11.79 -25.95 -6.73
C GLU A 335 -12.37 -25.19 -5.56
N VAL A 336 -11.73 -24.10 -5.12
CA VAL A 336 -12.22 -23.34 -3.98
C VAL A 336 -13.57 -22.73 -4.30
N GLY A 337 -13.65 -22.00 -5.41
CA GLY A 337 -14.88 -21.36 -5.82
C GLY A 337 -16.05 -22.31 -5.91
N PRO A 338 -15.92 -23.35 -6.73
CA PRO A 338 -17.04 -24.31 -6.87
C PRO A 338 -17.51 -24.88 -5.55
N LEU A 339 -16.61 -25.20 -4.62
CA LEU A 339 -17.04 -25.74 -3.34
C LEU A 339 -17.81 -24.70 -2.53
N LEU A 340 -17.30 -23.46 -2.50
CA LEU A 340 -18.00 -22.41 -1.75
C LEU A 340 -19.39 -22.17 -2.31
N ASN A 341 -19.53 -22.13 -3.64
CA ASN A 341 -20.86 -21.96 -4.22
C ASN A 341 -21.78 -23.12 -3.86
N THR A 342 -21.25 -24.35 -3.92
CA THR A 342 -22.04 -25.50 -3.49
C THR A 342 -22.51 -25.35 -2.05
N MET A 343 -21.67 -24.77 -1.19
CA MET A 343 -22.03 -24.62 0.22
C MET A 343 -23.25 -23.72 0.39
N ILE A 344 -23.30 -22.62 -0.36
CA ILE A 344 -24.24 -21.53 -0.04
C ILE A 344 -25.50 -21.60 -0.88
N LYS A 345 -25.42 -22.04 -2.14
CA LYS A 345 -26.56 -21.93 -3.04
C LYS A 345 -27.75 -22.70 -2.48
N GLY A 346 -28.85 -21.96 -2.24
CA GLY A 346 -30.04 -22.57 -1.67
C GLY A 346 -29.91 -23.01 -0.23
N ARG A 347 -28.79 -22.67 0.42
CA ARG A 347 -28.56 -23.03 1.81
C ARG A 347 -28.36 -21.81 2.70
N TYR A 348 -27.53 -20.86 2.27
CA TYR A 348 -27.26 -19.65 3.03
C TYR A 348 -27.59 -18.36 2.29
N ASN A 349 -28.16 -18.45 1.09
CA ASN A 349 -28.50 -17.26 0.32
C ASN A 349 -29.95 -17.28 -0.14
N GLU B 3 -8.13 -24.15 19.92
CA GLU B 3 -7.12 -24.31 18.89
C GLU B 3 -7.63 -23.84 17.54
N VAL B 4 -8.89 -24.20 17.23
CA VAL B 4 -9.42 -23.92 15.90
C VAL B 4 -9.74 -22.44 15.74
N VAL B 5 -10.28 -21.81 16.79
CA VAL B 5 -10.66 -20.40 16.68
C VAL B 5 -9.42 -19.54 16.46
N LYS B 6 -8.34 -19.82 17.19
CA LYS B 6 -7.11 -19.07 17.01
C LYS B 6 -6.42 -19.43 15.70
N LEU B 7 -6.63 -20.65 15.20
CA LEU B 7 -6.12 -21.00 13.89
C LEU B 7 -6.74 -20.13 12.81
N LEU B 8 -8.07 -19.92 12.87
CA LEU B 8 -8.75 -19.14 11.84
C LEU B 8 -8.47 -17.65 11.99
N LEU B 9 -8.25 -17.17 13.21
CA LEU B 9 -7.99 -15.76 13.45
C LEU B 9 -6.56 -15.36 13.14
N GLU B 10 -5.67 -16.32 12.88
CA GLU B 10 -4.26 -16.01 12.70
C GLU B 10 -4.04 -15.16 11.46
N ALA B 11 -3.36 -14.04 11.62
CA ALA B 11 -3.09 -13.13 10.52
C ALA B 11 -1.81 -13.51 9.79
N GLY B 12 -1.79 -13.25 8.49
CA GLY B 12 -0.58 -13.33 7.71
C GLY B 12 0.20 -12.03 7.78
N ALA B 13 1.14 -11.87 6.85
CA ALA B 13 1.95 -10.67 6.80
C ALA B 13 2.30 -10.27 5.37
N ASP B 14 1.42 -10.57 4.42
CA ASP B 14 1.70 -10.24 3.03
C ASP B 14 1.54 -8.74 2.78
N VAL B 15 2.45 -8.18 1.98
CA VAL B 15 2.42 -6.78 1.60
C VAL B 15 2.69 -6.69 0.10
N ASN B 16 2.47 -5.49 -0.46
CA ASN B 16 2.68 -5.24 -1.88
C ASN B 16 4.18 -5.06 -2.17
N ALA B 17 4.92 -6.14 -1.95
CA ALA B 17 6.35 -6.17 -2.30
C ALA B 17 6.69 -7.59 -2.73
N GLN B 18 7.20 -7.72 -3.96
CA GLN B 18 7.46 -9.03 -4.53
C GLN B 18 8.56 -9.76 -3.76
N ASP B 19 8.31 -11.03 -3.45
CA ASP B 19 9.31 -11.90 -2.86
C ASP B 19 10.14 -12.57 -3.94
N LYS B 20 11.39 -12.87 -3.60
CA LYS B 20 12.29 -13.57 -4.51
C LYS B 20 12.41 -15.04 -4.11
S SO4 C . 0.24 33.40 -3.12
O1 SO4 C . -0.71 32.30 -3.26
O2 SO4 C . 1.40 33.15 -3.97
O3 SO4 C . 0.66 33.51 -1.72
O4 SO4 C . -0.41 34.64 -3.53
S SO4 D . -4.23 -6.65 14.92
O1 SO4 D . -5.11 -7.77 15.22
O2 SO4 D . -2.90 -7.17 14.59
O3 SO4 D . -4.12 -5.76 16.08
O4 SO4 D . -4.77 -5.90 13.79
S SO4 E . -2.85 7.73 -19.02
O1 SO4 E . -3.15 6.42 -18.45
O2 SO4 E . -3.19 7.73 -20.44
O3 SO4 E . -1.43 8.01 -18.86
O4 SO4 E . -3.63 8.75 -18.33
S SO4 F . -15.42 2.31 10.64
O1 SO4 F . -15.18 1.04 11.33
O2 SO4 F . -15.48 2.08 9.21
O3 SO4 F . -14.34 3.24 10.94
O4 SO4 F . -16.69 2.88 11.10
S SO4 G . -17.06 -7.69 7.20
O1 SO4 G . -17.47 -8.98 6.64
O2 SO4 G . -16.73 -6.77 6.11
O3 SO4 G . -15.89 -7.88 8.05
O4 SO4 G . -18.15 -7.14 7.99
S SO4 H . -8.72 -3.76 -11.59
O1 SO4 H . -8.00 -4.76 -10.81
O2 SO4 H . -9.04 -4.29 -12.90
O3 SO4 H . -7.88 -2.57 -11.74
O4 SO4 H . -9.95 -3.40 -10.89
ZN ZN I . -0.22 -0.85 0.43
C01 ROQ J . 1.58 0.80 -0.77
C02 ROQ J . 2.24 1.42 -1.96
C03 ROQ J . 1.57 2.71 -2.40
C04 ROQ J . 2.72 0.32 -2.99
C05 ROQ J . 2.23 0.84 0.39
C06 ROQ J . 2.26 3.64 -3.47
O01 ROQ J . 0.48 0.29 -0.89
O02 ROQ J . 3.24 1.64 0.70
O03 ROQ J . 1.80 0.06 1.22
O04 ROQ J . 2.87 4.62 -2.84
O05 ROQ J . 2.19 3.46 -4.67
H01 ROQ J . 3.08 1.78 -1.64
H02 ROQ J . 0.70 2.48 -2.74
H03 ROQ J . 1.45 3.26 -1.60
H04 ROQ J . 2.57 -0.61 -2.78
H05 ROQ J . 3.66 0.27 -3.21
H06 ROQ J . 2.35 0.33 -3.90
S SO4 K . 5.99 4.77 -26.05
O1 SO4 K . 6.63 3.62 -25.41
O2 SO4 K . 5.11 4.31 -27.11
O3 SO4 K . 7.01 5.65 -26.61
O4 SO4 K . 5.22 5.51 -25.06
S SO4 L . -14.54 -2.47 13.09
O1 SO4 L . -13.26 -2.53 12.39
O2 SO4 L . -14.97 -3.82 13.43
O3 SO4 L . -15.53 -1.82 12.25
O4 SO4 L . -14.37 -1.69 14.32
S SO4 M . 0.12 13.30 -15.97
O1 SO4 M . -0.61 12.11 -15.51
O2 SO4 M . 0.88 12.96 -17.17
O3 SO4 M . -0.82 14.37 -16.26
O4 SO4 M . 1.04 13.73 -14.91
#